data_2VBX
#
_entry.id   2VBX
#
_cell.length_a   100.899
_cell.length_b   100.899
_cell.length_c   99.286
_cell.angle_alpha   90.00
_cell.angle_beta   90.00
_cell.angle_gamma   90.00
#
_symmetry.space_group_name_H-M   'P 42 21 2'
#
loop_
_entity.id
_entity.type
_entity.pdbx_description
1 polymer 'TRANSCRIPTIONAL REGULATORY PROTEIN'
2 non-polymer HISTIDINE
3 water water
#
_entity_poly.entity_id   1
_entity_poly.type   'polypeptide(L)'
_entity_poly.pdbx_seq_one_letter_code
;MNEALDDIDRILVRELAADGRATLSELATRAGLSVSAVQSRVRRLESRGVVQGYSARINPEAVGHLLSAFVAITPLDPSQ
PDDAPARLEHIEEVESCYSVAGEESYVLLVRVASARALEDLLQRIRTTANVRTRSTIILNTFYSDRQHIP
;
_entity_poly.pdbx_strand_id   A,B
#
# COMPACT_ATOMS: atom_id res chain seq x y z
N ALA A 4 23.77 5.20 2.17
CA ALA A 4 24.60 4.52 1.12
C ALA A 4 23.71 3.66 0.18
N LEU A 5 23.39 4.21 -1.01
CA LEU A 5 22.69 3.48 -2.07
C LEU A 5 23.26 3.96 -3.38
N ASP A 6 24.14 3.19 -4.04
CA ASP A 6 24.76 3.66 -5.30
C ASP A 6 23.86 3.54 -6.50
N ASP A 7 24.35 4.02 -7.65
CA ASP A 7 23.64 3.99 -8.90
C ASP A 7 23.03 2.62 -9.18
N ILE A 8 23.78 1.56 -8.85
CA ILE A 8 23.34 0.21 -9.15
C ILE A 8 22.24 -0.31 -8.25
N ASP A 9 22.33 -0.05 -6.94
CA ASP A 9 21.26 -0.42 -6.05
C ASP A 9 20.00 0.37 -6.47
N ARG A 10 20.14 1.63 -6.86
CA ARG A 10 18.99 2.34 -7.36
C ARG A 10 18.28 1.57 -8.48
N ILE A 11 19.06 1.11 -9.47
CA ILE A 11 18.49 0.31 -10.60
C ILE A 11 17.76 -0.96 -10.11
N LEU A 12 18.35 -1.64 -9.10
CA LEU A 12 17.75 -2.88 -8.63
C LEU A 12 16.46 -2.68 -7.90
N VAL A 13 16.33 -1.73 -6.95
CA VAL A 13 15.06 -1.42 -6.30
C VAL A 13 14.01 -0.83 -7.24
N ARG A 14 14.36 0.03 -8.23
CA ARG A 14 13.33 0.39 -9.26
C ARG A 14 12.78 -0.84 -9.98
N GLU A 15 13.64 -1.67 -10.60
CA GLU A 15 13.19 -2.91 -11.27
C GLU A 15 12.45 -3.76 -10.30
N LEU A 16 12.94 -3.95 -9.08
CA LEU A 16 12.17 -4.82 -8.20
C LEU A 16 10.80 -4.19 -7.78
N ALA A 17 10.72 -2.85 -7.73
CA ALA A 17 9.41 -2.17 -7.45
C ALA A 17 8.36 -2.44 -8.55
N ALA A 18 8.72 -2.20 -9.81
CA ALA A 18 7.89 -2.49 -10.98
C ALA A 18 7.68 -4.04 -11.18
N ASP A 19 8.65 -4.87 -10.82
CA ASP A 19 8.40 -6.27 -11.00
C ASP A 19 9.08 -7.19 -9.97
N GLY A 20 8.35 -7.60 -8.95
CA GLY A 20 9.01 -8.21 -7.79
C GLY A 20 9.35 -9.63 -8.07
N ARG A 21 8.89 -10.15 -9.19
CA ARG A 21 9.28 -11.50 -9.64
C ARG A 21 10.41 -11.44 -10.71
N ALA A 22 10.91 -10.24 -11.08
CA ALA A 22 12.19 -10.02 -11.81
C ALA A 22 13.07 -11.25 -11.41
N THR A 23 13.44 -12.07 -12.39
CA THR A 23 14.50 -13.05 -12.17
C THR A 23 15.91 -12.41 -12.14
N LEU A 24 16.77 -13.01 -11.34
CA LEU A 24 18.10 -12.50 -11.15
C LEU A 24 18.85 -12.32 -12.50
N SER A 25 18.70 -13.25 -13.44
CA SER A 25 19.31 -13.02 -14.75
C SER A 25 18.79 -11.79 -15.52
N GLU A 26 17.48 -11.52 -15.45
CA GLU A 26 16.97 -10.30 -16.06
C GLU A 26 17.52 -9.08 -15.30
N LEU A 27 17.59 -9.15 -13.96
CA LEU A 27 18.20 -8.05 -13.18
C LEU A 27 19.67 -7.81 -13.57
N ALA A 28 20.46 -8.91 -13.64
CA ALA A 28 21.88 -8.85 -14.00
C ALA A 28 22.15 -8.22 -15.39
N THR A 29 21.43 -8.66 -16.40
CA THR A 29 21.79 -8.14 -17.68
C THR A 29 21.24 -6.73 -17.83
N ARG A 30 20.54 -6.24 -16.82
CA ARG A 30 20.01 -4.83 -16.71
C ARG A 30 20.88 -3.89 -15.88
N ALA A 31 21.49 -4.32 -14.78
CA ALA A 31 22.50 -3.52 -14.10
C ALA A 31 23.91 -3.65 -14.71
N GLY A 32 24.06 -4.48 -15.78
CA GLY A 32 25.40 -4.91 -16.25
C GLY A 32 26.28 -5.62 -15.22
N LEU A 33 25.74 -6.56 -14.47
CA LEU A 33 26.57 -7.34 -13.54
C LEU A 33 26.33 -8.81 -13.74
N SER A 34 27.08 -9.65 -13.05
CA SER A 34 26.83 -11.11 -13.07
C SER A 34 25.62 -11.46 -12.19
N VAL A 35 24.90 -12.51 -12.55
CA VAL A 35 23.83 -13.05 -11.79
C VAL A 35 24.33 -13.25 -10.38
N SER A 36 25.60 -13.42 -10.17
CA SER A 36 26.06 -13.52 -8.77
C SER A 36 26.23 -12.18 -7.99
N ALA A 37 26.72 -11.17 -8.71
CA ALA A 37 26.81 -9.86 -8.14
C ALA A 37 25.35 -9.45 -7.79
N VAL A 38 24.37 -9.74 -8.70
CA VAL A 38 22.96 -9.38 -8.46
C VAL A 38 22.46 -10.07 -7.19
N GLN A 39 22.69 -11.36 -7.03
CA GLN A 39 22.15 -12.00 -5.84
C GLN A 39 22.59 -11.35 -4.55
N SER A 40 23.88 -11.23 -4.42
CA SER A 40 24.56 -10.54 -3.36
C SER A 40 24.01 -9.16 -2.93
N ARG A 41 23.99 -8.21 -3.88
CA ARG A 41 23.35 -6.91 -3.78
C ARG A 41 21.88 -7.00 -3.32
N VAL A 42 21.03 -7.83 -3.97
CA VAL A 42 19.63 -8.04 -3.57
C VAL A 42 19.60 -8.50 -2.13
N ARG A 43 20.39 -9.46 -1.69
CA ARG A 43 20.52 -9.83 -0.25
C ARG A 43 21.03 -8.69 0.66
N ARG A 44 21.91 -7.79 0.23
CA ARG A 44 22.38 -6.78 1.14
C ARG A 44 21.16 -5.77 1.37
N LEU A 45 20.55 -5.33 0.25
CA LEU A 45 19.27 -4.65 0.09
C LEU A 45 18.22 -5.18 1.03
N GLU A 46 18.02 -6.48 1.02
CA GLU A 46 17.09 -7.06 2.00
C GLU A 46 17.55 -6.98 3.47
N SER A 47 18.83 -6.96 3.80
CA SER A 47 19.16 -7.11 5.23
C SER A 47 19.55 -5.77 5.92
N ARG A 48 20.13 -4.79 5.20
CA ARG A 48 19.98 -3.36 5.54
C ARG A 48 18.48 -3.24 5.43
N GLY A 49 17.81 -2.14 5.56
CA GLY A 49 16.34 -2.44 5.44
C GLY A 49 15.58 -2.00 4.19
N VAL A 50 16.22 -1.91 3.04
CA VAL A 50 15.64 -1.27 1.87
C VAL A 50 14.49 -2.05 1.18
N VAL A 51 14.39 -3.35 1.35
CA VAL A 51 13.41 -4.18 0.62
C VAL A 51 12.79 -4.98 1.75
N GLN A 52 11.50 -4.75 2.01
CA GLN A 52 10.99 -5.27 3.27
C GLN A 52 10.29 -6.54 3.00
N GLY A 53 10.09 -6.84 1.74
CA GLY A 53 9.59 -8.17 1.38
C GLY A 53 8.93 -8.04 0.04
N TYR A 54 8.29 -9.13 -0.37
CA TYR A 54 7.76 -9.12 -1.72
C TYR A 54 6.28 -9.59 -1.68
N SER A 55 5.37 -8.92 -2.40
CA SER A 55 3.98 -9.33 -2.32
C SER A 55 3.37 -9.23 -3.70
N ALA A 56 2.43 -10.15 -3.97
CA ALA A 56 1.49 -10.00 -5.10
C ALA A 56 0.52 -8.89 -4.71
N ARG A 57 0.22 -8.01 -5.65
CA ARG A 57 -0.80 -7.02 -5.40
C ARG A 57 -2.14 -7.72 -5.75
N ILE A 58 -2.87 -8.26 -4.75
CA ILE A 58 -4.22 -8.83 -4.86
C ILE A 58 -5.41 -7.81 -4.95
N ASN A 59 -6.38 -8.07 -5.80
CA ASN A 59 -7.42 -7.11 -6.03
C ASN A 59 -8.46 -7.32 -4.98
N PRO A 60 -8.71 -6.26 -4.13
CA PRO A 60 -9.43 -6.65 -2.91
C PRO A 60 -10.91 -6.96 -3.25
N GLU A 61 -11.50 -6.33 -4.30
CA GLU A 61 -12.85 -6.73 -4.74
C GLU A 61 -13.00 -8.20 -5.08
N ALA A 62 -12.12 -8.74 -5.96
CA ALA A 62 -12.05 -10.20 -6.24
C ALA A 62 -12.07 -11.19 -5.06
N VAL A 63 -11.47 -10.88 -3.93
CA VAL A 63 -11.51 -11.82 -2.82
C VAL A 63 -12.61 -11.45 -1.84
N GLY A 64 -13.55 -10.59 -2.24
CA GLY A 64 -14.67 -10.30 -1.30
C GLY A 64 -14.80 -9.04 -0.38
N HIS A 65 -13.77 -8.19 -0.36
CA HIS A 65 -13.75 -6.91 0.31
C HIS A 65 -14.33 -5.85 -0.59
N LEU A 66 -15.66 -5.72 -0.58
CA LEU A 66 -16.33 -4.69 -1.35
C LEU A 66 -16.38 -3.30 -0.71
N LEU A 67 -15.96 -3.15 0.56
CA LEU A 67 -15.90 -1.85 1.21
C LEU A 67 -14.57 -1.67 1.93
N SER A 68 -13.92 -0.55 1.71
CA SER A 68 -12.67 -0.20 2.29
C SER A 68 -12.84 1.16 2.98
N ALA A 69 -12.14 1.42 4.09
CA ALA A 69 -12.38 2.67 4.75
C ALA A 69 -11.07 3.17 5.42
N PHE A 70 -10.92 4.48 5.59
CA PHE A 70 -9.84 5.02 6.41
C PHE A 70 -10.54 5.20 7.80
N VAL A 71 -9.96 4.65 8.89
CA VAL A 71 -10.48 5.05 10.15
C VAL A 71 -9.46 5.74 11.02
N ALA A 72 -9.69 7.00 11.33
CA ALA A 72 -8.76 7.72 12.19
C ALA A 72 -9.11 7.36 13.71
N ILE A 73 -8.15 7.08 14.58
CA ILE A 73 -8.49 6.63 15.94
C ILE A 73 -7.74 7.54 16.91
N THR A 74 -8.46 7.98 17.91
CA THR A 74 -7.85 8.73 18.97
C THR A 74 -8.23 8.11 20.37
N PRO A 75 -7.23 7.93 21.26
CA PRO A 75 -7.33 7.43 22.67
C PRO A 75 -8.41 8.00 23.55
N LEU A 76 -9.14 7.10 24.22
CA LEU A 76 -10.15 7.46 25.19
C LEU A 76 -9.53 8.11 26.47
N ASP A 77 -8.36 7.62 26.91
CA ASP A 77 -7.47 8.30 27.85
C ASP A 77 -6.07 8.21 27.31
N PRO A 78 -5.45 9.34 26.90
CA PRO A 78 -4.08 9.35 26.27
C PRO A 78 -2.81 9.35 27.14
N SER A 79 -2.95 9.12 28.45
CA SER A 79 -1.77 9.20 29.36
C SER A 79 -0.89 7.90 29.38
N GLN A 80 -1.59 6.77 29.17
CA GLN A 80 -0.99 5.42 29.01
C GLN A 80 0.00 5.46 27.82
N PRO A 81 1.28 4.93 27.95
CA PRO A 81 1.95 4.99 26.64
C PRO A 81 1.08 4.26 25.56
N ASP A 82 1.36 4.65 24.32
CA ASP A 82 0.39 4.44 23.31
C ASP A 82 0.46 3.04 22.85
N ASP A 83 -0.70 2.51 22.57
CA ASP A 83 -0.83 1.10 22.51
C ASP A 83 -1.43 0.54 21.23
N ALA A 84 -2.26 1.37 20.61
CA ALA A 84 -3.25 0.95 19.66
C ALA A 84 -2.66 0.02 18.64
N PRO A 85 -1.55 0.40 18.00
CA PRO A 85 -1.01 -0.46 16.93
C PRO A 85 -0.79 -1.91 17.32
N ALA A 86 -0.06 -2.15 18.40
CA ALA A 86 0.16 -3.53 18.95
C ALA A 86 -1.17 -4.23 19.20
N ARG A 87 -2.09 -3.62 19.94
CA ARG A 87 -3.30 -4.32 20.20
C ARG A 87 -4.23 -4.57 18.95
N LEU A 88 -4.00 -3.89 17.81
CA LEU A 88 -4.90 -3.92 16.64
C LEU A 88 -4.26 -4.79 15.59
N GLU A 89 -2.99 -5.11 15.82
CA GLU A 89 -2.20 -5.98 14.91
C GLU A 89 -2.94 -7.32 14.65
N HIS A 90 -3.64 -7.81 15.65
CA HIS A 90 -4.29 -9.07 15.59
C HIS A 90 -5.68 -9.05 14.92
N ILE A 91 -6.19 -7.87 14.53
CA ILE A 91 -7.41 -7.71 13.75
C ILE A 91 -6.98 -7.76 12.30
N GLU A 92 -7.46 -8.77 11.60
CA GLU A 92 -6.91 -9.13 10.34
C GLU A 92 -7.37 -8.14 9.30
N GLU A 93 -8.51 -7.48 9.59
CA GLU A 93 -8.98 -6.66 8.55
C GLU A 93 -8.37 -5.30 8.63
N VAL A 94 -7.46 -5.10 9.56
CA VAL A 94 -6.75 -3.88 9.49
C VAL A 94 -5.46 -3.98 8.70
N GLU A 95 -5.43 -3.38 7.50
CA GLU A 95 -4.36 -3.47 6.53
C GLU A 95 -3.16 -2.55 6.76
N SER A 96 -3.33 -1.38 7.38
CA SER A 96 -2.20 -0.46 7.69
C SER A 96 -2.57 0.41 8.84
N CYS A 97 -1.56 0.94 9.48
CA CYS A 97 -1.68 1.67 10.74
C CYS A 97 -0.53 2.68 10.74
N TYR A 98 -0.87 3.98 10.61
CA TYR A 98 0.07 5.06 10.66
C TYR A 98 -0.28 5.98 11.86
N SER A 99 0.71 6.49 12.63
CA SER A 99 0.44 7.59 13.58
C SER A 99 0.64 8.88 12.77
N VAL A 100 0.04 9.98 13.27
CA VAL A 100 -0.30 11.09 12.39
C VAL A 100 -0.29 12.32 13.40
N ALA A 101 0.22 13.50 12.81
CA ALA A 101 0.22 14.76 13.52
C ALA A 101 -1.21 15.23 13.43
N GLY A 102 -1.66 16.06 14.34
CA GLY A 102 -2.99 16.67 14.32
C GLY A 102 -3.89 16.15 15.44
N GLU A 103 -5.17 16.04 15.16
CA GLU A 103 -6.08 16.00 16.27
C GLU A 103 -6.28 14.59 16.64
N GLU A 104 -6.02 13.70 15.70
CA GLU A 104 -6.23 12.25 15.80
C GLU A 104 -4.88 11.52 15.98
N SER A 105 -4.82 10.30 16.54
CA SER A 105 -3.50 9.66 16.67
C SER A 105 -3.06 8.67 15.65
N TYR A 106 -3.94 7.75 15.24
CA TYR A 106 -3.51 6.89 14.17
C TYR A 106 -4.56 6.95 13.10
N VAL A 107 -4.23 6.59 11.87
CA VAL A 107 -5.18 6.45 10.81
C VAL A 107 -4.99 4.94 10.41
N LEU A 108 -6.06 4.16 10.29
CA LEU A 108 -6.00 2.78 9.83
C LEU A 108 -6.62 2.72 8.38
N LEU A 109 -6.12 1.86 7.52
CA LEU A 109 -6.94 1.52 6.33
C LEU A 109 -7.49 0.13 6.58
N VAL A 110 -8.79 -0.01 6.44
CA VAL A 110 -9.49 -1.22 6.85
C VAL A 110 -10.29 -1.79 5.65
N ARG A 111 -10.48 -3.10 5.60
CA ARG A 111 -11.24 -3.64 4.41
C ARG A 111 -12.15 -4.73 4.83
N VAL A 112 -13.33 -4.74 4.28
CA VAL A 112 -14.34 -5.53 4.85
C VAL A 112 -15.39 -5.95 3.83
N ALA A 113 -16.20 -6.91 4.19
CA ALA A 113 -17.21 -7.47 3.25
C ALA A 113 -18.37 -6.53 2.95
N SER A 114 -18.78 -5.63 3.85
CA SER A 114 -20.00 -4.82 3.64
C SER A 114 -20.25 -3.72 4.67
N ALA A 115 -21.23 -2.84 4.43
CA ALA A 115 -21.80 -1.99 5.50
C ALA A 115 -21.95 -2.76 6.80
N ARG A 116 -22.86 -3.75 6.87
CA ARG A 116 -23.05 -4.40 8.17
C ARG A 116 -21.69 -4.84 8.72
N ALA A 117 -20.76 -5.38 7.92
CA ALA A 117 -19.48 -5.81 8.51
C ALA A 117 -18.59 -4.61 9.02
N LEU A 118 -18.69 -3.42 8.37
CA LEU A 118 -17.94 -2.29 8.84
C LEU A 118 -18.46 -1.96 10.19
N GLU A 119 -19.76 -1.97 10.34
CA GLU A 119 -20.29 -1.60 11.66
C GLU A 119 -19.73 -2.53 12.75
N ASP A 120 -19.38 -3.78 12.43
CA ASP A 120 -18.95 -4.69 13.46
C ASP A 120 -17.48 -4.47 13.80
N LEU A 121 -16.65 -4.24 12.75
CA LEU A 121 -15.23 -3.92 12.86
C LEU A 121 -15.06 -2.64 13.68
N LEU A 122 -15.95 -1.64 13.49
CA LEU A 122 -15.75 -0.37 14.28
C LEU A 122 -15.83 -0.69 15.80
N GLN A 123 -16.83 -1.51 16.17
CA GLN A 123 -16.93 -1.98 17.58
C GLN A 123 -15.66 -2.67 18.02
N ARG A 124 -15.12 -3.62 17.25
CA ARG A 124 -13.96 -4.34 17.69
C ARG A 124 -12.84 -3.36 17.80
N ILE A 125 -12.64 -2.50 16.80
CA ILE A 125 -11.71 -1.43 16.98
C ILE A 125 -11.96 -0.60 18.28
N ARG A 126 -13.17 -0.05 18.51
CA ARG A 126 -13.31 0.92 19.65
C ARG A 126 -12.92 0.13 20.88
N THR A 127 -13.35 -1.13 20.90
CA THR A 127 -13.12 -1.85 22.14
C THR A 127 -11.74 -2.42 22.30
N THR A 128 -11.14 -2.97 21.29
CA THR A 128 -9.88 -3.48 21.58
C THR A 128 -8.85 -2.38 21.75
N ALA A 129 -8.95 -1.20 21.15
CA ALA A 129 -7.83 -0.22 21.41
C ALA A 129 -8.28 0.90 22.38
N ASN A 130 -9.51 0.84 22.83
CA ASN A 130 -10.01 1.88 23.69
C ASN A 130 -9.85 3.34 23.12
N VAL A 131 -10.55 3.61 22.01
CA VAL A 131 -10.22 4.65 21.04
C VAL A 131 -11.60 5.21 20.57
N ARG A 132 -11.70 6.49 20.11
CA ARG A 132 -12.90 6.95 19.34
C ARG A 132 -12.51 6.76 17.88
N THR A 133 -13.46 6.75 16.96
CA THR A 133 -13.15 6.47 15.56
C THR A 133 -13.83 7.43 14.65
N ARG A 134 -13.16 7.97 13.62
CA ARG A 134 -13.83 8.76 12.57
C ARG A 134 -13.62 7.93 11.25
N SER A 135 -14.70 7.48 10.62
CA SER A 135 -14.62 6.66 9.40
C SER A 135 -14.77 7.50 8.15
N THR A 136 -13.99 7.23 7.09
CA THR A 136 -14.12 7.89 5.76
C THR A 136 -14.14 6.70 4.79
N ILE A 137 -15.35 6.30 4.32
CA ILE A 137 -15.51 5.23 3.31
C ILE A 137 -14.84 5.60 2.00
N ILE A 138 -14.07 4.68 1.45
CA ILE A 138 -13.50 4.82 0.11
C ILE A 138 -14.50 4.50 -0.97
N LEU A 139 -14.71 5.38 -1.95
CA LEU A 139 -15.80 5.12 -2.95
C LEU A 139 -15.11 4.37 -4.08
N ASN A 140 -13.85 4.78 -4.42
CA ASN A 140 -13.13 4.27 -5.57
C ASN A 140 -11.61 4.44 -5.46
N THR A 141 -10.78 3.43 -5.74
CA THR A 141 -9.33 3.59 -5.80
C THR A 141 -8.90 3.78 -7.25
N PHE A 142 -8.34 4.94 -7.64
CA PHE A 142 -7.87 5.22 -8.97
C PHE A 142 -6.49 4.70 -9.30
N TYR A 143 -5.60 4.62 -8.33
CA TYR A 143 -4.26 4.00 -8.51
C TYR A 143 -3.70 3.95 -7.11
N SER A 144 -2.91 2.93 -6.82
CA SER A 144 -2.35 2.88 -5.51
C SER A 144 -1.00 2.23 -5.49
N ASP A 145 -0.31 2.33 -4.39
CA ASP A 145 1.06 1.83 -4.44
C ASP A 145 1.94 2.26 -5.61
N ARG A 146 1.83 3.43 -6.20
CA ARG A 146 2.90 3.58 -7.11
C ARG A 146 4.25 3.97 -6.52
N GLN A 147 5.11 3.03 -6.15
CA GLN A 147 6.36 3.41 -5.47
C GLN A 147 7.29 4.17 -6.38
N HIS A 148 7.99 5.16 -5.87
CA HIS A 148 8.71 6.08 -6.72
C HIS A 148 10.08 6.15 -6.18
N ILE A 149 11.04 5.86 -7.04
CA ILE A 149 12.43 5.85 -6.60
C ILE A 149 13.18 6.97 -7.33
N PRO A 150 13.64 7.97 -6.55
CA PRO A 150 14.15 9.24 -7.09
C PRO A 150 15.65 9.30 -7.55
N ALA B 4 -17.26 -15.66 -7.67
CA ALA B 4 -16.39 -16.80 -7.21
C ALA B 4 -14.85 -16.62 -7.43
N LEU B 5 -14.13 -17.70 -7.11
CA LEU B 5 -12.67 -17.82 -6.97
C LEU B 5 -12.61 -18.99 -6.00
N ASP B 6 -12.38 -20.21 -6.53
CA ASP B 6 -12.38 -21.46 -5.72
C ASP B 6 -11.55 -21.41 -4.40
N ASP B 7 -11.35 -22.53 -3.70
CA ASP B 7 -10.62 -22.48 -2.42
C ASP B 7 -9.18 -23.06 -2.46
N ILE B 8 -8.75 -23.42 -3.67
CA ILE B 8 -7.34 -23.68 -3.98
C ILE B 8 -6.67 -22.36 -4.49
N ASP B 9 -7.43 -21.58 -5.29
CA ASP B 9 -7.07 -20.20 -5.65
C ASP B 9 -6.86 -19.28 -4.41
N ARG B 10 -7.55 -19.54 -3.30
CA ARG B 10 -7.33 -18.79 -2.09
C ARG B 10 -5.97 -19.11 -1.50
N ILE B 11 -5.59 -20.39 -1.34
CA ILE B 11 -4.26 -20.77 -0.77
C ILE B 11 -3.12 -20.19 -1.64
N LEU B 12 -3.38 -20.06 -2.94
CA LEU B 12 -2.45 -19.43 -3.85
C LEU B 12 -2.30 -17.92 -3.63
N VAL B 13 -3.42 -17.20 -3.64
CA VAL B 13 -3.37 -15.82 -3.33
C VAL B 13 -2.92 -15.58 -1.88
N ARG B 14 -3.32 -16.37 -0.87
CA ARG B 14 -2.80 -16.14 0.54
C ARG B 14 -1.30 -16.20 0.50
N GLU B 15 -0.81 -17.26 -0.16
CA GLU B 15 0.64 -17.58 -0.29
C GLU B 15 1.50 -16.53 -1.04
N LEU B 16 0.95 -16.03 -2.15
CA LEU B 16 1.58 -15.06 -3.01
C LEU B 16 1.54 -13.60 -2.42
N ALA B 17 0.58 -13.32 -1.54
CA ALA B 17 0.53 -12.06 -0.83
C ALA B 17 1.57 -12.01 0.33
N ALA B 18 1.79 -13.07 1.09
CA ALA B 18 2.92 -13.00 2.02
C ALA B 18 4.30 -13.15 1.33
N ASP B 19 4.35 -13.83 0.18
CA ASP B 19 5.62 -14.05 -0.51
C ASP B 19 5.53 -13.97 -2.02
N GLY B 20 5.81 -12.80 -2.54
CA GLY B 20 5.66 -12.57 -3.94
C GLY B 20 6.68 -13.25 -4.80
N ARG B 21 7.86 -13.55 -4.26
CA ARG B 21 8.86 -14.35 -5.00
C ARG B 21 8.61 -15.84 -4.79
N ALA B 22 8.12 -16.27 -3.61
CA ALA B 22 7.37 -17.54 -3.52
C ALA B 22 7.48 -18.26 -4.86
N THR B 23 8.00 -19.46 -4.78
CA THR B 23 8.63 -20.11 -5.92
C THR B 23 7.70 -21.12 -6.59
N LEU B 24 7.58 -21.02 -7.91
CA LEU B 24 6.53 -21.73 -8.64
C LEU B 24 6.37 -23.16 -8.12
N SER B 25 7.50 -23.85 -7.86
CA SER B 25 7.52 -25.18 -7.19
C SER B 25 7.06 -25.23 -5.73
N GLU B 26 7.76 -24.53 -4.80
CA GLU B 26 7.38 -24.44 -3.35
C GLU B 26 5.89 -24.17 -3.12
N LEU B 27 5.29 -23.37 -4.00
CA LEU B 27 3.85 -23.10 -3.92
C LEU B 27 3.12 -24.44 -3.89
N ALA B 28 3.19 -25.16 -5.02
CA ALA B 28 2.51 -26.44 -5.23
C ALA B 28 2.65 -27.55 -4.14
N THR B 29 3.71 -27.55 -3.34
CA THR B 29 3.71 -28.47 -2.20
C THR B 29 2.60 -28.10 -1.15
N ARG B 30 2.71 -26.94 -0.49
CA ARG B 30 1.64 -26.48 0.44
C ARG B 30 0.28 -26.13 -0.27
N ALA B 31 0.32 -25.99 -1.60
CA ALA B 31 -0.88 -25.85 -2.45
C ALA B 31 -1.52 -27.23 -2.76
N GLY B 32 -0.75 -28.30 -2.53
CA GLY B 32 -1.10 -29.69 -2.87
C GLY B 32 -1.41 -29.87 -4.35
N LEU B 33 -0.38 -29.87 -5.20
CA LEU B 33 -0.55 -30.00 -6.66
C LEU B 33 0.76 -30.16 -7.49
N SER B 34 0.61 -30.16 -8.82
CA SER B 34 1.73 -30.23 -9.79
C SER B 34 2.13 -28.85 -10.31
N VAL B 35 3.44 -28.61 -10.47
CA VAL B 35 3.95 -27.39 -11.16
C VAL B 35 3.17 -27.03 -12.47
N SER B 36 2.53 -28.03 -13.08
CA SER B 36 1.67 -27.85 -14.27
C SER B 36 0.42 -27.08 -13.92
N ALA B 37 -0.40 -27.69 -13.06
CA ALA B 37 -1.62 -27.09 -12.51
C ALA B 37 -1.35 -25.62 -12.01
N VAL B 38 -0.45 -25.46 -11.01
CA VAL B 38 -0.13 -24.15 -10.40
C VAL B 38 0.20 -23.06 -11.42
N GLN B 39 1.10 -23.33 -12.34
CA GLN B 39 1.58 -22.24 -13.18
C GLN B 39 0.43 -21.63 -13.99
N SER B 40 -0.70 -22.35 -14.10
CA SER B 40 -1.78 -21.81 -14.94
C SER B 40 -3.00 -21.31 -14.15
N ARG B 41 -3.18 -21.81 -12.93
CA ARG B 41 -4.05 -21.10 -11.99
C ARG B 41 -3.44 -19.69 -11.90
N VAL B 42 -2.17 -19.64 -11.42
CA VAL B 42 -1.39 -18.40 -11.17
C VAL B 42 -1.45 -17.49 -12.40
N ARG B 43 -1.78 -18.07 -13.56
CA ARG B 43 -1.87 -17.32 -14.86
C ARG B 43 -3.32 -16.94 -15.25
N ARG B 44 -4.29 -17.78 -14.90
CA ARG B 44 -5.71 -17.47 -15.11
C ARG B 44 -6.11 -16.37 -14.07
N LEU B 45 -5.45 -16.45 -12.88
CA LEU B 45 -5.52 -15.45 -11.79
C LEU B 45 -5.01 -14.07 -12.21
N GLU B 46 -4.00 -14.00 -13.06
CA GLU B 46 -3.57 -12.68 -13.55
C GLU B 46 -4.45 -12.17 -14.72
N SER B 47 -5.00 -13.10 -15.52
CA SER B 47 -5.81 -12.78 -16.73
C SER B 47 -7.12 -12.07 -16.33
N ARG B 48 -8.03 -12.83 -15.68
CA ARG B 48 -9.06 -12.28 -14.81
C ARG B 48 -8.25 -11.43 -13.84
N GLY B 49 -8.52 -10.14 -13.64
CA GLY B 49 -7.60 -9.33 -12.78
C GLY B 49 -7.60 -9.62 -11.27
N VAL B 50 -7.10 -10.75 -10.81
CA VAL B 50 -7.07 -11.04 -9.38
C VAL B 50 -5.68 -10.78 -8.68
N VAL B 51 -4.57 -11.21 -9.28
CA VAL B 51 -3.32 -10.68 -8.87
C VAL B 51 -3.02 -9.70 -9.97
N GLN B 52 -2.64 -8.49 -9.62
CA GLN B 52 -2.54 -7.44 -10.57
C GLN B 52 -1.13 -7.10 -10.89
N GLY B 53 -0.16 -7.72 -10.19
CA GLY B 53 1.26 -7.35 -10.32
C GLY B 53 2.04 -7.90 -9.15
N TYR B 54 3.37 -7.72 -9.17
CA TYR B 54 4.19 -8.23 -8.07
C TYR B 54 5.10 -7.13 -7.72
N SER B 55 5.27 -6.83 -6.46
CA SER B 55 6.05 -5.63 -6.17
C SER B 55 6.92 -5.93 -4.94
N ALA B 56 8.14 -5.40 -4.94
CA ALA B 56 8.93 -5.49 -3.79
C ALA B 56 8.52 -4.30 -3.03
N ARG B 57 8.52 -4.47 -1.72
CA ARG B 57 8.16 -3.38 -0.86
C ARG B 57 9.35 -2.53 -0.53
N ILE B 58 9.49 -1.40 -1.20
CA ILE B 58 10.61 -0.54 -0.85
C ILE B 58 10.32 0.31 0.37
N ASN B 59 11.21 0.31 1.37
CA ASN B 59 11.19 1.31 2.44
C ASN B 59 11.39 2.76 1.93
N PRO B 60 10.40 3.69 2.19
CA PRO B 60 10.60 5.03 1.60
C PRO B 60 11.62 5.92 2.29
N GLU B 61 11.86 5.72 3.59
CA GLU B 61 12.83 6.56 4.30
C GLU B 61 14.18 6.34 3.65
N ALA B 62 14.54 5.06 3.63
CA ALA B 62 15.73 4.50 2.93
C ALA B 62 16.03 4.93 1.53
N VAL B 63 15.13 5.56 0.81
CA VAL B 63 15.33 5.94 -0.59
C VAL B 63 15.21 7.45 -0.68
N GLY B 64 15.23 8.09 0.50
CA GLY B 64 15.14 9.56 0.61
C GLY B 64 13.75 10.26 0.74
N HIS B 65 12.73 9.48 1.13
CA HIS B 65 11.34 9.97 1.39
C HIS B 65 11.15 10.11 2.88
N LEU B 66 11.43 11.31 3.37
CA LEU B 66 11.55 11.49 4.85
C LEU B 66 10.23 11.99 5.52
N LEU B 67 9.34 12.57 4.69
CA LEU B 67 8.01 12.94 5.00
C LEU B 67 6.97 12.31 4.03
N SER B 68 5.99 11.63 4.63
CA SER B 68 4.82 11.15 3.95
C SER B 68 3.58 11.90 4.49
N ALA B 69 2.60 12.20 3.66
CA ALA B 69 1.48 12.97 4.20
C ALA B 69 0.24 12.36 3.54
N PHE B 70 -0.91 12.28 4.19
CA PHE B 70 -2.15 12.08 3.43
C PHE B 70 -2.59 13.51 2.98
N VAL B 71 -3.05 13.73 1.78
CA VAL B 71 -3.36 15.09 1.41
C VAL B 71 -4.81 15.06 0.94
N ALA B 72 -5.73 15.76 1.58
CA ALA B 72 -7.06 15.56 1.21
C ALA B 72 -7.43 16.69 0.27
N ILE B 73 -7.97 16.46 -0.91
CA ILE B 73 -8.25 17.58 -1.88
C ILE B 73 -9.74 17.69 -2.27
N THR B 74 -10.20 18.90 -2.56
CA THR B 74 -11.60 19.20 -3.02
C THR B 74 -11.53 20.21 -4.14
N PRO B 75 -12.16 19.94 -5.29
CA PRO B 75 -12.08 20.91 -6.38
C PRO B 75 -12.78 22.25 -6.08
N LEU B 76 -12.29 23.31 -6.72
CA LEU B 76 -12.67 24.68 -6.32
C LEU B 76 -13.93 25.08 -7.00
N ASP B 77 -14.00 24.62 -8.26
CA ASP B 77 -15.08 24.91 -9.14
C ASP B 77 -16.01 23.74 -9.50
N PRO B 78 -17.13 23.64 -8.84
CA PRO B 78 -17.92 22.43 -9.20
C PRO B 78 -18.54 22.55 -10.61
N SER B 79 -18.27 23.63 -11.28
CA SER B 79 -18.76 23.68 -12.63
C SER B 79 -17.83 23.07 -13.68
N GLN B 80 -16.64 22.61 -13.38
CA GLN B 80 -15.83 22.01 -14.45
C GLN B 80 -15.85 20.51 -14.27
N PRO B 81 -15.52 19.75 -15.32
CA PRO B 81 -15.41 18.32 -15.06
C PRO B 81 -14.44 18.06 -13.91
N ASP B 82 -14.94 17.37 -12.91
CA ASP B 82 -14.13 16.88 -11.82
C ASP B 82 -13.25 15.77 -12.37
N ASP B 83 -12.01 16.08 -12.72
CA ASP B 83 -11.07 15.12 -13.26
C ASP B 83 -9.72 15.03 -12.48
N ALA B 84 -9.70 15.39 -11.18
CA ALA B 84 -8.44 15.56 -10.44
C ALA B 84 -7.48 14.36 -10.51
N PRO B 85 -8.01 13.13 -10.33
CA PRO B 85 -7.08 11.96 -10.44
C PRO B 85 -6.23 11.95 -11.73
N ALA B 86 -6.85 12.14 -12.90
CA ALA B 86 -6.15 12.16 -14.16
C ALA B 86 -5.22 13.39 -14.23
N ARG B 87 -5.68 14.57 -13.85
CA ARG B 87 -4.75 15.69 -13.73
C ARG B 87 -3.48 15.49 -12.82
N LEU B 88 -3.57 14.72 -11.73
CA LEU B 88 -2.43 14.56 -10.81
C LEU B 88 -1.66 13.32 -11.19
N GLU B 89 -2.25 12.49 -12.06
CA GLU B 89 -1.60 11.20 -12.31
C GLU B 89 -0.11 11.31 -12.76
N HIS B 90 0.26 12.40 -13.44
CA HIS B 90 1.64 12.54 -13.89
C HIS B 90 2.57 13.03 -12.77
N ILE B 91 2.05 13.73 -11.73
CA ILE B 91 2.82 14.08 -10.57
C ILE B 91 3.24 12.76 -9.81
N GLU B 92 4.54 12.51 -9.73
CA GLU B 92 5.09 11.24 -9.39
C GLU B 92 5.16 10.98 -7.93
N GLU B 93 5.33 12.03 -7.15
CA GLU B 93 5.24 11.75 -5.73
C GLU B 93 3.84 11.36 -5.24
N VAL B 94 2.75 11.52 -6.03
CA VAL B 94 1.49 11.01 -5.57
C VAL B 94 1.41 9.53 -5.74
N GLU B 95 1.60 8.74 -4.69
CA GLU B 95 1.56 7.33 -4.69
C GLU B 95 0.14 6.67 -4.78
N SER B 96 -0.95 7.34 -4.33
CA SER B 96 -2.28 6.70 -4.23
C SER B 96 -3.25 7.79 -4.32
N CYS B 97 -4.42 7.53 -4.89
CA CYS B 97 -5.43 8.55 -5.05
C CYS B 97 -6.78 7.82 -4.92
N TYR B 98 -7.54 8.16 -3.89
CA TYR B 98 -8.81 7.55 -3.59
C TYR B 98 -9.89 8.62 -3.64
N SER B 99 -11.11 8.31 -4.13
CA SER B 99 -12.24 9.18 -3.80
C SER B 99 -12.92 8.65 -2.61
N VAL B 100 -13.67 9.51 -1.92
CA VAL B 100 -13.91 9.22 -0.50
C VAL B 100 -15.23 9.83 -0.16
N ALA B 101 -15.94 9.34 0.84
CA ALA B 101 -17.16 9.99 1.33
C ALA B 101 -16.76 10.63 2.64
N GLY B 102 -16.69 11.97 2.71
CA GLY B 102 -16.12 12.65 3.83
C GLY B 102 -16.24 14.13 3.64
N GLU B 103 -15.20 14.88 4.16
CA GLU B 103 -15.32 16.39 4.01
C GLU B 103 -14.77 16.79 2.66
N GLU B 104 -13.92 15.78 2.35
CA GLU B 104 -13.18 16.17 1.05
C GLU B 104 -13.50 15.13 -0.09
N SER B 105 -13.14 15.47 -1.32
CA SER B 105 -13.43 14.65 -2.49
C SER B 105 -12.51 13.45 -2.65
N TYR B 106 -11.19 13.64 -2.49
CA TYR B 106 -10.19 12.61 -2.71
C TYR B 106 -9.19 12.58 -1.58
N VAL B 107 -8.52 11.45 -1.32
CA VAL B 107 -7.43 11.47 -0.41
C VAL B 107 -6.23 10.96 -1.20
N LEU B 108 -5.04 11.62 -1.15
CA LEU B 108 -3.85 11.28 -1.94
C LEU B 108 -2.88 10.77 -0.88
N LEU B 109 -2.07 9.73 -1.06
CA LEU B 109 -0.92 9.52 -0.14
C LEU B 109 0.33 9.98 -0.93
N VAL B 110 1.25 10.65 -0.29
CA VAL B 110 2.15 11.47 -1.07
C VAL B 110 3.45 11.29 -0.34
N ARG B 111 4.57 11.18 -1.09
CA ARG B 111 5.94 11.09 -0.38
C ARG B 111 6.90 12.14 -0.92
N VAL B 112 7.93 12.56 -0.18
CA VAL B 112 8.52 13.88 -0.40
C VAL B 112 9.79 13.90 0.49
N ALA B 113 10.76 14.74 0.10
CA ALA B 113 12.13 14.72 0.66
C ALA B 113 12.11 15.37 2.03
N SER B 114 11.31 16.42 2.20
CA SER B 114 11.41 17.23 3.45
C SER B 114 10.11 18.05 3.63
N ALA B 115 9.84 18.55 4.85
CA ALA B 115 8.73 19.56 5.04
C ALA B 115 8.75 20.65 4.02
N ARG B 116 9.91 21.09 3.61
CA ARG B 116 9.90 22.16 2.65
C ARG B 116 9.46 21.63 1.31
N ALA B 117 9.90 20.44 0.94
CA ALA B 117 9.48 19.85 -0.33
C ALA B 117 7.92 19.66 -0.34
N LEU B 118 7.26 19.28 0.80
CA LEU B 118 5.82 19.21 0.78
C LEU B 118 5.22 20.56 0.42
N GLU B 119 5.81 21.67 0.85
CA GLU B 119 5.16 22.94 0.59
C GLU B 119 5.11 23.13 -0.89
N ASP B 120 6.21 22.80 -1.52
CA ASP B 120 6.22 22.71 -2.97
C ASP B 120 5.21 21.78 -3.65
N LEU B 121 5.19 20.51 -3.25
CA LEU B 121 4.32 19.57 -3.90
C LEU B 121 2.92 20.08 -3.76
N LEU B 122 2.56 20.63 -2.61
CA LEU B 122 1.17 21.15 -2.48
C LEU B 122 0.79 22.31 -3.37
N GLN B 123 1.70 23.25 -3.63
CA GLN B 123 1.40 24.36 -4.53
C GLN B 123 1.20 23.79 -5.98
N ARG B 124 2.01 22.80 -6.33
CA ARG B 124 1.82 22.06 -7.54
C ARG B 124 0.47 21.39 -7.50
N ILE B 125 0.18 20.48 -6.56
CA ILE B 125 -1.16 19.89 -6.54
C ILE B 125 -2.27 20.94 -6.74
N ARG B 126 -2.23 22.08 -6.07
CA ARG B 126 -3.32 23.06 -6.23
C ARG B 126 -3.38 23.73 -7.59
N THR B 127 -2.25 24.07 -8.24
CA THR B 127 -2.41 24.77 -9.53
C THR B 127 -2.68 23.79 -10.63
N THR B 128 -2.14 22.58 -10.55
CA THR B 128 -2.48 21.64 -11.57
C THR B 128 -3.90 21.00 -11.58
N ALA B 129 -4.42 20.33 -10.55
CA ALA B 129 -5.91 20.05 -10.51
C ALA B 129 -6.43 21.36 -10.03
N ASN B 130 -7.70 21.69 -9.95
CA ASN B 130 -7.81 23.08 -9.38
C ASN B 130 -8.43 23.00 -7.97
N VAL B 131 -7.59 22.60 -7.02
CA VAL B 131 -8.10 22.10 -5.72
C VAL B 131 -7.65 22.87 -4.50
N ARG B 132 -8.42 22.86 -3.39
CA ARG B 132 -7.80 23.19 -2.07
C ARG B 132 -7.11 21.96 -1.43
N THR B 133 -6.02 22.11 -0.68
CA THR B 133 -5.41 20.89 -0.10
C THR B 133 -5.58 20.89 1.40
N ARG B 134 -5.79 19.78 2.03
CA ARG B 134 -5.71 19.84 3.47
C ARG B 134 -4.83 18.64 3.87
N SER B 135 -3.68 18.84 4.51
CA SER B 135 -2.87 17.64 4.58
C SER B 135 -2.54 17.14 6.00
N THR B 136 -2.28 15.82 6.16
CA THR B 136 -2.01 15.22 7.44
C THR B 136 -0.70 14.45 7.42
N ILE B 137 0.21 14.78 8.29
CA ILE B 137 1.55 14.27 8.18
C ILE B 137 1.72 12.95 8.90
N ILE B 138 2.30 11.97 8.22
CA ILE B 138 2.51 10.66 8.80
C ILE B 138 3.77 10.78 9.68
N LEU B 139 3.71 10.32 10.92
CA LEU B 139 4.89 10.41 11.77
C LEU B 139 5.60 9.06 11.69
N ASN B 140 4.86 7.95 11.82
CA ASN B 140 5.41 6.61 11.72
C ASN B 140 4.46 5.63 11.06
N THR B 141 4.91 4.85 10.07
CA THR B 141 4.23 3.70 9.56
C THR B 141 4.40 2.40 10.44
N PHE B 142 3.38 1.87 11.10
CA PHE B 142 3.62 0.75 12.01
C PHE B 142 3.60 -0.52 11.19
N TYR B 143 2.63 -0.65 10.28
CA TYR B 143 2.61 -1.72 9.28
C TYR B 143 1.72 -1.25 8.16
N SER B 144 1.97 -1.77 6.97
CA SER B 144 1.54 -1.17 5.77
C SER B 144 1.22 -2.42 4.87
N ASP B 145 0.28 -2.32 3.97
CA ASP B 145 -0.42 -3.49 3.36
C ASP B 145 -0.24 -4.95 3.76
N ARG B 146 -0.69 -5.33 4.95
CA ARG B 146 -0.94 -6.71 5.20
C ARG B 146 -2.24 -6.99 4.48
N GLN B 147 -2.25 -7.53 3.25
CA GLN B 147 -3.47 -8.08 2.62
C GLN B 147 -4.06 -9.32 3.26
N HIS B 148 -5.36 -9.25 3.55
CA HIS B 148 -6.09 -10.32 4.20
C HIS B 148 -6.98 -10.96 3.13
N ILE B 149 -6.83 -12.28 3.04
CA ILE B 149 -7.66 -13.01 2.15
C ILE B 149 -8.48 -13.82 3.09
N PRO B 150 -9.80 -13.54 3.13
CA PRO B 150 -10.78 -14.12 4.06
C PRO B 150 -10.91 -15.65 3.92
N HIS C . -1.74 13.02 17.96
CA HIS C . -0.50 13.70 18.38
C HIS C . -0.30 15.09 17.73
O HIS C . -0.83 15.42 16.68
CB HIS C . 0.70 12.80 18.08
CG HIS C . 0.47 11.35 18.37
ND1 HIS C . -0.18 10.91 19.50
CD2 HIS C . 0.81 10.24 17.67
CE1 HIS C . -0.24 9.58 19.48
NE2 HIS C . 0.35 9.16 18.38
OXT HIS C . 0.45 15.96 18.18
N HIS D . -9.89 13.58 7.10
CA HIS D . -10.05 13.09 5.70
C HIS D . -11.13 13.83 4.81
O HIS D . -11.14 15.07 4.89
CB HIS D . -10.05 11.57 5.73
CG HIS D . -8.66 11.01 5.89
ND1 HIS D . -7.70 11.64 6.64
CD2 HIS D . -8.06 9.92 5.34
CE1 HIS D . -6.56 10.97 6.56
NE2 HIS D . -6.75 9.93 5.77
OXT HIS D . -11.97 13.33 4.04
#